data_8ZHU
#
_entry.id   8ZHU
#
_cell.length_a   49.730
_cell.length_b   94.317
_cell.length_c   136.560
_cell.angle_alpha   90.000
_cell.angle_beta   90.000
_cell.angle_gamma   90.000
#
_symmetry.space_group_name_H-M   'P 21 21 21'
#
loop_
_entity.id
_entity.type
_entity.pdbx_description
1 polymer 'Isonocardicin synthase'
2 non-polymer "5'-thioadenosine"
3 water water
#
_entity_poly.entity_id   1
_entity_poly.type   'polypeptide(L)'
_entity_poly.pdbx_seq_one_letter_code
;MKHHHHHHHSDYDIPTTENLYFQGSMTALSRVSGQAPDRVVETYAEGKPYDLFFLDVAGVRLVGRKTEAAYPGPDRDGLP
AERLKCALVEARMLLGVVERDQVAEDHVAVFHRPLGEAEKAELFAAAVADPTTDLYYPYAQLGDRVRETEEGGWEVTDES
ARELDHAEEVLRDHVPDRLAELGFRGGVAYDAACSTGAFLQAVGRRFPGTRTIGQDLSPAMVARARTRLDEAHCGDGIRP
AIPEASADLVVCRHLNAFVVGTGQAHDLLAAAASRCREGGLVVLLGHTPVLVSSQWCEMSGLTPLQRSGATPSGHALFQC
YVLRKG
;
_entity_poly.pdbx_strand_id   A,B
#
loop_
_chem_comp.id
_chem_comp.type
_chem_comp.name
_chem_comp.formula
A4D non-polymer 5'-thioadenosine 'C10 H13 N5 O3 S'
#
# COMPACT_ATOMS: atom_id res chain seq x y z
N ALA A 36 4.73 -14.80 13.85
CA ALA A 36 5.64 -13.75 13.38
C ALA A 36 5.47 -13.53 11.89
N PRO A 37 5.53 -12.28 11.45
CA PRO A 37 5.26 -11.96 10.04
C PRO A 37 6.45 -12.28 9.14
N ASP A 38 6.17 -12.31 7.85
CA ASP A 38 7.15 -12.53 6.79
C ASP A 38 7.13 -11.35 5.84
N ARG A 39 8.11 -11.30 4.94
CA ARG A 39 8.20 -10.22 3.97
C ARG A 39 8.42 -10.77 2.57
N VAL A 40 7.60 -10.33 1.63
CA VAL A 40 7.78 -10.61 0.21
C VAL A 40 8.24 -9.34 -0.48
N VAL A 41 9.24 -9.45 -1.35
CA VAL A 41 9.90 -8.31 -1.96
C VAL A 41 9.86 -8.47 -3.47
N GLU A 42 9.69 -7.36 -4.19
CA GLU A 42 9.90 -7.29 -5.63
C GLU A 42 10.70 -6.04 -5.93
N THR A 43 11.93 -6.22 -6.42
CA THR A 43 12.77 -5.10 -6.78
C THR A 43 12.31 -4.47 -8.08
N TYR A 44 12.71 -3.22 -8.30
CA TYR A 44 12.31 -2.50 -9.51
C TYR A 44 13.23 -2.79 -10.68
N ALA A 45 14.52 -3.02 -10.42
CA ALA A 45 15.49 -3.16 -11.50
C ALA A 45 15.25 -4.42 -12.31
N GLU A 46 15.05 -5.55 -11.63
CA GLU A 46 14.83 -6.82 -12.32
C GLU A 46 13.68 -7.65 -11.76
N GLY A 47 13.05 -7.24 -10.67
CA GLY A 47 11.88 -7.92 -10.17
C GLY A 47 10.63 -7.56 -10.93
N LYS A 48 9.50 -8.15 -10.52
CA LYS A 48 8.21 -7.96 -11.16
C LYS A 48 7.18 -7.54 -10.11
N PRO A 49 7.10 -6.25 -9.79
CA PRO A 49 6.04 -5.80 -8.88
C PRO A 49 4.64 -6.12 -9.37
N TYR A 50 4.42 -6.20 -10.68
CA TYR A 50 3.11 -6.46 -11.23
C TYR A 50 2.62 -7.88 -10.95
N ASP A 51 3.47 -8.76 -10.42
CA ASP A 51 3.07 -10.12 -10.09
C ASP A 51 2.55 -10.25 -8.66
N LEU A 52 2.64 -9.20 -7.86
CA LEU A 52 2.07 -9.21 -6.52
C LEU A 52 0.60 -8.85 -6.62
N PHE A 53 -0.28 -9.79 -6.31
CA PHE A 53 -1.70 -9.53 -6.33
C PHE A 53 -2.27 -9.53 -4.92
N PHE A 54 -3.31 -8.74 -4.72
CA PHE A 54 -4.02 -8.65 -3.45
C PHE A 54 -5.43 -9.19 -3.65
N LEU A 55 -5.90 -9.94 -2.65
CA LEU A 55 -7.23 -10.53 -2.67
C LEU A 55 -7.96 -10.05 -1.42
N ASP A 56 -9.00 -9.24 -1.61
CA ASP A 56 -9.77 -8.68 -0.51
C ASP A 56 -10.95 -9.60 -0.24
N VAL A 57 -10.73 -10.58 0.64
CA VAL A 57 -11.72 -11.60 0.95
C VAL A 57 -12.22 -11.39 2.37
N ALA A 58 -13.53 -11.19 2.52
CA ALA A 58 -14.19 -11.18 3.83
C ALA A 58 -13.56 -10.15 4.77
N GLY A 59 -13.23 -8.98 4.22
CA GLY A 59 -12.57 -7.97 5.01
C GLY A 59 -11.13 -8.28 5.39
N VAL A 60 -10.55 -9.32 4.79
CA VAL A 60 -9.17 -9.71 5.05
C VAL A 60 -8.40 -9.66 3.75
N ARG A 61 -7.28 -8.95 3.75
CA ARG A 61 -6.48 -8.77 2.56
C ARG A 61 -5.38 -9.84 2.51
N LEU A 62 -5.35 -10.59 1.42
CA LEU A 62 -4.32 -11.59 1.19
C LEU A 62 -3.38 -11.12 0.11
N VAL A 63 -2.15 -11.63 0.15
CA VAL A 63 -1.13 -11.31 -0.84
C VAL A 63 -0.67 -12.60 -1.49
N GLY A 64 -0.44 -12.53 -2.81
CA GLY A 64 0.10 -13.66 -3.53
C GLY A 64 1.09 -13.19 -4.57
N ARG A 65 1.80 -14.16 -5.15
CA ARG A 65 2.72 -13.92 -6.24
C ARG A 65 2.26 -14.77 -7.43
N LYS A 66 1.80 -14.10 -8.48
CA LYS A 66 1.33 -14.81 -9.66
C LYS A 66 2.48 -15.57 -10.32
N THR A 67 2.27 -16.85 -10.57
CA THR A 67 3.18 -17.69 -11.33
C THR A 67 2.44 -18.23 -12.56
N GLU A 68 3.06 -19.18 -13.25
CA GLU A 68 2.38 -19.85 -14.34
C GLU A 68 1.17 -20.60 -13.81
N ALA A 69 0.00 -20.30 -14.37
CA ALA A 69 -1.25 -20.90 -13.93
C ALA A 69 -1.62 -22.07 -14.82
N ALA A 70 -2.33 -23.04 -14.23
CA ALA A 70 -2.90 -24.14 -15.00
C ALA A 70 -3.97 -23.57 -15.92
N TYR A 71 -3.73 -23.62 -17.23
CA TYR A 71 -4.62 -23.03 -18.22
C TYR A 71 -5.02 -24.06 -19.26
N PRO A 72 -6.30 -24.08 -19.69
CA PRO A 72 -7.38 -23.21 -19.19
C PRO A 72 -8.06 -23.77 -17.94
N GLY A 73 -7.86 -25.05 -17.68
CA GLY A 73 -8.45 -25.70 -16.53
C GLY A 73 -7.42 -26.36 -15.64
N PRO A 74 -7.87 -27.00 -14.58
CA PRO A 74 -6.95 -27.66 -13.65
C PRO A 74 -6.37 -28.93 -14.24
N ASP A 75 -5.40 -29.50 -13.53
CA ASP A 75 -4.76 -30.73 -13.97
C ASP A 75 -5.75 -31.89 -13.85
N ARG A 76 -5.98 -32.59 -14.95
CA ARG A 76 -6.87 -33.74 -14.94
C ARG A 76 -6.20 -34.93 -14.26
N ASP A 77 -6.89 -36.07 -14.25
CA ASP A 77 -6.39 -37.24 -13.53
C ASP A 77 -5.10 -37.76 -14.17
N GLY A 78 -5.12 -38.02 -15.47
CA GLY A 78 -3.95 -38.53 -16.15
C GLY A 78 -3.27 -37.53 -17.07
N LEU A 79 -3.95 -36.42 -17.33
CA LEU A 79 -3.42 -35.38 -18.21
C LEU A 79 -3.21 -34.10 -17.43
N PRO A 80 -1.98 -33.67 -17.19
CA PRO A 80 -1.76 -32.37 -16.53
C PRO A 80 -1.96 -31.21 -17.50
N ALA A 81 -2.53 -30.14 -16.98
CA ALA A 81 -2.81 -28.96 -17.79
C ALA A 81 -1.54 -28.17 -18.05
N GLU A 82 -1.53 -27.46 -19.18
CA GLU A 82 -0.39 -26.61 -19.51
C GLU A 82 -0.35 -25.40 -18.59
N ARG A 83 0.85 -24.87 -18.41
CA ARG A 83 1.07 -23.68 -17.59
C ARG A 83 1.16 -22.45 -18.49
N LEU A 84 0.71 -21.32 -17.97
CA LEU A 84 0.68 -20.09 -18.75
C LEU A 84 0.61 -18.89 -17.82
N LYS A 85 1.45 -17.88 -18.10
CA LYS A 85 1.34 -16.60 -17.42
C LYS A 85 0.17 -15.84 -18.02
N CYS A 86 -0.89 -15.66 -17.26
CA CYS A 86 -2.14 -15.12 -17.78
C CYS A 86 -2.90 -14.45 -16.64
N ALA A 87 -4.18 -14.16 -16.85
CA ALA A 87 -4.99 -13.47 -15.87
C ALA A 87 -5.36 -14.34 -14.68
N LEU A 88 -5.07 -15.65 -14.73
CA LEU A 88 -5.55 -16.57 -13.71
C LEU A 88 -4.68 -16.56 -12.47
N VAL A 89 -5.31 -16.53 -11.30
CA VAL A 89 -4.64 -16.82 -10.04
C VAL A 89 -5.36 -17.99 -9.38
N GLU A 90 -4.61 -18.73 -8.56
CA GLU A 90 -5.06 -19.93 -7.89
C GLU A 90 -4.60 -19.86 -6.43
N ALA A 91 -5.20 -20.72 -5.59
CA ALA A 91 -4.90 -20.67 -4.15
C ALA A 91 -3.43 -20.89 -3.88
N ARG A 92 -2.77 -21.77 -4.65
CA ARG A 92 -1.38 -22.09 -4.39
C ARG A 92 -0.44 -20.92 -4.64
N MET A 93 -0.90 -19.87 -5.31
CA MET A 93 -0.11 -18.66 -5.46
C MET A 93 -0.27 -17.67 -4.32
N LEU A 94 -1.18 -17.91 -3.38
CA LEU A 94 -1.31 -17.05 -2.23
C LEU A 94 -0.11 -17.20 -1.30
N LEU A 95 0.24 -16.11 -0.62
CA LEU A 95 1.35 -16.10 0.32
C LEU A 95 0.91 -16.01 1.77
N GLY A 96 0.10 -15.01 2.12
CA GLY A 96 -0.30 -14.84 3.50
C GLY A 96 -1.28 -13.69 3.66
N VAL A 97 -1.49 -13.32 4.91
CA VAL A 97 -2.45 -12.27 5.26
C VAL A 97 -1.71 -10.95 5.38
N VAL A 98 -2.11 -9.98 4.57
CA VAL A 98 -1.38 -8.71 4.49
C VAL A 98 -1.51 -7.96 5.80
N GLU A 99 -0.38 -7.65 6.42
CA GLU A 99 -0.36 -6.74 7.55
C GLU A 99 -0.02 -5.31 7.13
N ARG A 100 0.95 -5.14 6.23
CA ARG A 100 1.44 -3.82 5.89
C ARG A 100 2.38 -3.92 4.70
N ASP A 101 2.44 -2.85 3.91
CA ASP A 101 3.43 -2.72 2.86
C ASP A 101 4.36 -1.56 3.15
N GLN A 102 5.45 -1.50 2.40
CA GLN A 102 6.37 -0.36 2.43
C GLN A 102 6.93 -0.22 1.02
N VAL A 103 6.50 0.80 0.30
CA VAL A 103 7.00 1.09 -1.03
C VAL A 103 8.20 2.02 -0.89
N ALA A 104 9.36 1.56 -1.33
CA ALA A 104 10.61 2.27 -1.13
C ALA A 104 11.18 2.75 -2.47
N GLU A 105 12.45 3.14 -2.44
CA GLU A 105 13.07 3.75 -3.62
C GLU A 105 13.28 2.72 -4.74
N ASP A 106 13.77 1.53 -4.40
CA ASP A 106 14.21 0.56 -5.39
C ASP A 106 13.45 -0.76 -5.35
N HIS A 107 12.48 -0.91 -4.45
CA HIS A 107 11.78 -2.18 -4.32
C HIS A 107 10.44 -1.92 -3.64
N VAL A 108 9.58 -2.94 -3.69
CA VAL A 108 8.32 -2.94 -2.98
C VAL A 108 8.34 -4.10 -1.99
N ALA A 109 7.90 -3.84 -0.77
CA ALA A 109 7.88 -4.84 0.29
C ALA A 109 6.45 -4.97 0.82
N VAL A 110 6.02 -6.21 1.03
CA VAL A 110 4.74 -6.51 1.64
C VAL A 110 4.98 -7.43 2.82
N PHE A 111 4.60 -6.97 4.01
CA PHE A 111 4.69 -7.77 5.21
C PHE A 111 3.37 -8.51 5.41
N HIS A 112 3.45 -9.81 5.69
CA HIS A 112 2.28 -10.65 5.80
C HIS A 112 2.55 -11.77 6.79
N ARG A 113 1.46 -12.31 7.33
CA ARG A 113 1.55 -13.54 8.12
C ARG A 113 1.25 -14.73 7.22
N PRO A 114 2.17 -15.67 7.07
CA PRO A 114 1.98 -16.75 6.08
C PRO A 114 0.75 -17.61 6.38
N LEU A 115 0.16 -18.12 5.31
CA LEU A 115 -1.02 -18.96 5.38
C LEU A 115 -0.65 -20.41 5.08
N GLY A 116 -1.33 -21.35 5.74
CA GLY A 116 -1.20 -22.74 5.39
C GLY A 116 -1.87 -23.05 4.06
N GLU A 117 -1.48 -24.19 3.48
CA GLU A 117 -2.00 -24.55 2.16
C GLU A 117 -3.50 -24.80 2.21
N ALA A 118 -3.98 -25.42 3.29
CA ALA A 118 -5.42 -25.63 3.43
C ALA A 118 -6.16 -24.33 3.70
N GLU A 119 -5.57 -23.46 4.53
CA GLU A 119 -6.18 -22.16 4.79
C GLU A 119 -6.22 -21.33 3.52
N LYS A 120 -5.18 -21.42 2.68
CA LYS A 120 -5.17 -20.72 1.40
C LYS A 120 -6.35 -21.15 0.55
N ALA A 121 -6.53 -22.47 0.37
CA ALA A 121 -7.58 -22.98 -0.51
C ALA A 121 -8.96 -22.58 0.00
N GLU A 122 -9.19 -22.65 1.31
CA GLU A 122 -10.52 -22.34 1.84
C GLU A 122 -10.86 -20.86 1.66
N LEU A 123 -9.91 -19.97 1.98
CA LEU A 123 -10.13 -18.55 1.76
C LEU A 123 -10.24 -18.24 0.26
N PHE A 124 -9.45 -18.93 -0.57
CA PHE A 124 -9.57 -18.76 -2.00
C PHE A 124 -10.93 -19.24 -2.50
N ALA A 125 -11.46 -20.32 -1.93
CA ALA A 125 -12.78 -20.78 -2.30
C ALA A 125 -13.85 -19.77 -1.93
N ALA A 126 -13.69 -19.10 -0.78
CA ALA A 126 -14.65 -18.08 -0.38
C ALA A 126 -14.62 -16.90 -1.34
N ALA A 127 -13.48 -16.62 -1.95
CA ALA A 127 -13.42 -15.58 -2.98
C ALA A 127 -14.05 -16.04 -4.28
N VAL A 128 -13.91 -17.33 -4.60
CA VAL A 128 -14.56 -17.87 -5.79
C VAL A 128 -16.07 -17.82 -5.65
N ALA A 129 -16.57 -18.05 -4.44
CA ALA A 129 -18.00 -18.04 -4.17
C ALA A 129 -18.60 -16.64 -4.12
N ASP A 130 -17.79 -15.59 -4.27
CA ASP A 130 -18.26 -14.21 -4.13
C ASP A 130 -17.60 -13.36 -5.21
N PRO A 131 -18.30 -13.12 -6.32
CA PRO A 131 -17.71 -12.34 -7.42
C PRO A 131 -17.48 -10.87 -7.09
N THR A 132 -18.00 -10.37 -5.97
CA THR A 132 -17.66 -9.01 -5.56
C THR A 132 -16.25 -8.90 -5.01
N THR A 133 -15.58 -10.03 -4.75
CA THR A 133 -14.21 -10.01 -4.25
C THR A 133 -13.31 -9.30 -5.23
N ASP A 134 -12.52 -8.35 -4.74
CA ASP A 134 -11.60 -7.60 -5.58
C ASP A 134 -10.27 -8.33 -5.67
N LEU A 135 -9.80 -8.53 -6.89
CA LEU A 135 -8.46 -9.03 -7.18
C LEU A 135 -7.72 -7.92 -7.91
N TYR A 136 -6.67 -7.39 -7.30
CA TYR A 136 -5.99 -6.23 -7.88
C TYR A 136 -4.50 -6.35 -7.68
N TYR A 137 -3.77 -5.56 -8.46
CA TYR A 137 -2.31 -5.54 -8.47
C TYR A 137 -1.89 -4.11 -8.19
N PRO A 138 -1.73 -3.74 -6.90
CA PRO A 138 -1.50 -2.32 -6.58
C PRO A 138 -0.15 -1.78 -7.03
N TYR A 139 0.80 -2.64 -7.37
CA TYR A 139 2.12 -2.20 -7.81
C TYR A 139 2.37 -2.52 -9.28
N ALA A 140 1.30 -2.57 -10.08
CA ALA A 140 1.42 -2.94 -11.48
C ALA A 140 2.16 -1.89 -12.30
N GLN A 141 2.18 -0.64 -11.86
CA GLN A 141 2.86 0.43 -12.57
C GLN A 141 4.15 0.86 -11.89
N LEU A 142 4.74 -0.03 -11.10
CA LEU A 142 6.01 0.21 -10.45
C LEU A 142 7.09 -0.67 -11.08
N GLY A 143 8.30 -0.14 -11.12
CA GLY A 143 9.43 -0.85 -11.68
C GLY A 143 9.73 -0.44 -13.12
N ASP A 144 10.90 -0.88 -13.58
CA ASP A 144 11.32 -0.58 -14.94
C ASP A 144 10.83 -1.59 -15.96
N ARG A 145 10.42 -2.78 -15.51
CA ARG A 145 9.93 -3.81 -16.43
C ARG A 145 8.71 -3.35 -17.21
N VAL A 146 7.94 -2.41 -16.65
CA VAL A 146 6.75 -1.90 -17.32
C VAL A 146 7.12 -0.66 -18.13
N ARG A 147 8.41 -0.35 -18.20
CA ARG A 147 8.89 0.84 -18.92
C ARG A 147 9.85 0.46 -20.04
N GLU A 155 3.52 -6.03 -33.46
CA GLU A 155 3.63 -7.41 -33.01
C GLU A 155 2.38 -8.21 -33.36
N VAL A 156 1.63 -7.75 -34.36
CA VAL A 156 0.40 -8.41 -34.79
C VAL A 156 0.76 -9.37 -35.92
N THR A 157 0.76 -10.67 -35.62
CA THR A 157 0.98 -11.72 -36.61
C THR A 157 -0.11 -12.77 -36.48
N ASP A 158 -0.07 -13.75 -37.39
CA ASP A 158 -1.05 -14.84 -37.34
C ASP A 158 -0.90 -15.65 -36.06
N GLU A 159 0.34 -15.88 -35.62
CA GLU A 159 0.55 -16.58 -34.36
C GLU A 159 0.31 -15.69 -33.15
N SER A 160 0.55 -14.39 -33.28
CA SER A 160 0.36 -13.48 -32.15
C SER A 160 -1.11 -13.23 -31.88
N ALA A 161 -1.94 -13.23 -32.92
CA ALA A 161 -3.38 -13.15 -32.72
C ALA A 161 -3.92 -14.42 -32.07
N ARG A 162 -3.41 -15.58 -32.51
CA ARG A 162 -3.82 -16.85 -31.91
C ARG A 162 -3.37 -16.95 -30.46
N GLU A 163 -2.24 -16.33 -30.11
CA GLU A 163 -1.71 -16.43 -28.75
C GLU A 163 -2.61 -15.70 -27.76
N LEU A 164 -2.99 -14.46 -28.07
CA LEU A 164 -3.85 -13.70 -27.16
C LEU A 164 -5.27 -14.22 -27.15
N ASP A 165 -5.74 -14.74 -28.29
CA ASP A 165 -7.07 -15.35 -28.33
C ASP A 165 -7.12 -16.58 -27.43
N HIS A 166 -6.03 -17.36 -27.39
CA HIS A 166 -5.98 -18.53 -26.52
C HIS A 166 -5.95 -18.12 -25.05
N ALA A 167 -5.16 -17.09 -24.73
CA ALA A 167 -5.03 -16.66 -23.34
C ALA A 167 -6.31 -16.02 -22.82
N GLU A 168 -7.21 -15.58 -23.70
CA GLU A 168 -8.49 -15.02 -23.30
C GLU A 168 -9.63 -16.03 -23.40
N GLU A 169 -9.32 -17.32 -23.61
CA GLU A 169 -10.37 -18.31 -23.81
C GLU A 169 -11.19 -18.52 -22.54
N VAL A 170 -10.52 -18.77 -21.41
CA VAL A 170 -11.17 -19.01 -20.13
C VAL A 170 -12.04 -17.83 -19.75
N LEU A 171 -11.86 -16.73 -20.47
CA LEU A 171 -12.58 -15.49 -20.24
C LEU A 171 -13.68 -15.23 -21.25
N ARG A 172 -13.49 -15.65 -22.51
CA ARG A 172 -14.59 -15.66 -23.47
C ARG A 172 -15.68 -16.63 -23.04
N ASP A 173 -15.31 -17.69 -22.33
CA ASP A 173 -16.29 -18.64 -21.82
C ASP A 173 -17.09 -18.10 -20.64
N HIS A 174 -16.54 -17.12 -19.92
CA HIS A 174 -17.15 -16.67 -18.66
C HIS A 174 -18.07 -15.48 -18.84
N VAL A 175 -17.62 -14.47 -19.58
CA VAL A 175 -18.23 -13.14 -19.55
C VAL A 175 -19.64 -13.12 -20.16
N PRO A 176 -19.87 -13.64 -21.37
CA PRO A 176 -21.23 -13.53 -21.94
C PRO A 176 -22.30 -14.17 -21.07
N ASP A 177 -22.05 -15.38 -20.55
CA ASP A 177 -23.01 -16.01 -19.65
C ASP A 177 -23.21 -15.18 -18.39
N ARG A 178 -22.12 -14.64 -17.83
CA ARG A 178 -22.23 -13.83 -16.62
C ARG A 178 -22.94 -12.51 -16.89
N LEU A 179 -22.84 -11.99 -18.11
CA LEU A 179 -23.60 -10.78 -18.45
C LEU A 179 -25.09 -11.06 -18.53
N ALA A 180 -25.47 -12.25 -18.97
CA ALA A 180 -26.89 -12.62 -18.96
C ALA A 180 -27.42 -12.70 -17.53
N GLU A 181 -26.64 -13.31 -16.63
CA GLU A 181 -27.04 -13.39 -15.23
C GLU A 181 -27.09 -12.04 -14.55
N LEU A 182 -26.47 -11.01 -15.13
CA LEU A 182 -26.46 -9.68 -14.54
C LEU A 182 -27.46 -8.74 -15.20
N GLY A 183 -28.25 -9.22 -16.16
CA GLY A 183 -29.33 -8.44 -16.73
C GLY A 183 -29.11 -7.94 -18.13
N PHE A 184 -27.95 -8.16 -18.73
CA PHE A 184 -27.73 -7.74 -20.11
C PHE A 184 -28.73 -8.44 -21.03
N ARG A 185 -29.41 -7.65 -21.86
CA ARG A 185 -30.43 -8.17 -22.76
C ARG A 185 -30.06 -8.03 -24.23
N GLY A 186 -28.94 -7.42 -24.53
CA GLY A 186 -28.51 -7.21 -25.91
C GLY A 186 -28.52 -5.74 -26.27
N GLY A 187 -28.43 -5.50 -27.58
CA GLY A 187 -28.47 -4.14 -28.09
C GLY A 187 -27.23 -3.79 -28.90
N VAL A 188 -26.45 -2.83 -28.41
CA VAL A 188 -25.22 -2.40 -29.06
C VAL A 188 -24.06 -2.71 -28.12
N ALA A 189 -23.13 -3.53 -28.59
CA ALA A 189 -21.95 -3.91 -27.81
C ALA A 189 -20.72 -3.30 -28.46
N TYR A 190 -19.99 -2.49 -27.69
CA TYR A 190 -18.85 -1.74 -28.17
C TYR A 190 -17.59 -2.24 -27.50
N ASP A 191 -16.61 -2.68 -28.29
CA ASP A 191 -15.31 -3.11 -27.79
C ASP A 191 -14.28 -2.06 -28.19
N ALA A 192 -13.75 -1.34 -27.19
CA ALA A 192 -12.85 -0.23 -27.46
C ALA A 192 -11.47 -0.66 -27.95
N ALA A 193 -11.08 -1.91 -27.71
CA ALA A 193 -9.83 -2.47 -28.21
C ALA A 193 -10.11 -3.92 -28.59
N CYS A 194 -10.80 -4.09 -29.73
CA CYS A 194 -11.44 -5.36 -30.03
C CYS A 194 -10.45 -6.48 -30.36
N SER A 195 -9.23 -6.16 -30.78
CA SER A 195 -8.21 -7.16 -31.12
C SER A 195 -8.74 -7.97 -32.30
N THR A 196 -8.69 -9.31 -32.25
CA THR A 196 -9.21 -10.12 -33.34
C THR A 196 -10.72 -10.04 -33.46
N GLY A 197 -11.41 -9.53 -32.45
CA GLY A 197 -12.85 -9.51 -32.45
C GLY A 197 -13.49 -10.77 -31.92
N ALA A 198 -12.70 -11.78 -31.56
CA ALA A 198 -13.26 -13.03 -31.07
C ALA A 198 -14.07 -12.83 -29.81
N PHE A 199 -13.63 -11.92 -28.93
CA PHE A 199 -14.34 -11.69 -27.68
C PHE A 199 -15.71 -11.08 -27.94
N LEU A 200 -15.76 -9.95 -28.65
CA LEU A 200 -17.04 -9.32 -28.90
C LEU A 200 -17.96 -10.22 -29.70
N GLN A 201 -17.40 -11.03 -30.61
CA GLN A 201 -18.20 -12.00 -31.33
C GLN A 201 -18.82 -13.02 -30.39
N ALA A 202 -18.06 -13.48 -29.39
CA ALA A 202 -18.61 -14.41 -28.41
C ALA A 202 -19.79 -13.79 -27.67
N VAL A 203 -19.71 -12.49 -27.39
CA VAL A 203 -20.82 -11.79 -26.73
C VAL A 203 -22.03 -11.72 -27.65
N GLY A 204 -21.80 -11.43 -28.94
CA GLY A 204 -22.90 -11.34 -29.87
C GLY A 204 -23.56 -12.67 -30.17
N ARG A 205 -22.82 -13.77 -30.02
CA ARG A 205 -23.42 -15.09 -30.17
C ARG A 205 -24.34 -15.42 -29.01
N ARG A 206 -23.98 -14.96 -27.80
CA ARG A 206 -24.80 -15.24 -26.63
C ARG A 206 -26.07 -14.42 -26.61
N PHE A 207 -26.06 -13.25 -27.26
CA PHE A 207 -27.21 -12.35 -27.30
C PHE A 207 -27.52 -12.06 -28.76
N PRO A 208 -28.26 -12.95 -29.43
CA PRO A 208 -28.54 -12.76 -30.86
C PRO A 208 -29.32 -11.47 -31.11
N GLY A 209 -28.90 -10.73 -32.12
CA GLY A 209 -29.46 -9.42 -32.40
C GLY A 209 -28.63 -8.27 -31.87
N THR A 210 -27.63 -8.54 -31.02
CA THR A 210 -26.75 -7.49 -30.55
C THR A 210 -25.85 -7.03 -31.69
N ARG A 211 -25.76 -5.72 -31.89
CA ARG A 211 -24.85 -5.17 -32.88
C ARG A 211 -23.46 -5.06 -32.27
N THR A 212 -22.50 -5.76 -32.85
CA THR A 212 -21.12 -5.79 -32.37
C THR A 212 -20.30 -4.76 -33.13
N ILE A 213 -19.73 -3.81 -32.40
CA ILE A 213 -18.94 -2.73 -32.99
C ILE A 213 -17.56 -2.74 -32.32
N GLY A 214 -16.53 -3.02 -33.10
CA GLY A 214 -15.17 -3.09 -32.60
C GLY A 214 -14.35 -1.90 -33.06
N GLN A 215 -13.34 -1.56 -32.26
CA GLN A 215 -12.37 -0.54 -32.62
C GLN A 215 -11.00 -1.00 -32.12
N ASP A 216 -9.99 -0.84 -32.95
CA ASP A 216 -8.63 -1.20 -32.56
C ASP A 216 -7.64 -0.26 -33.23
N LEU A 217 -6.53 -0.01 -32.54
CA LEU A 217 -5.49 0.85 -33.08
C LEU A 217 -4.75 0.20 -34.24
N SER A 218 -4.66 -1.13 -34.25
CA SER A 218 -3.88 -1.84 -35.25
C SER A 218 -4.75 -2.17 -36.46
N PRO A 219 -4.39 -1.74 -37.68
CA PRO A 219 -5.19 -2.10 -38.85
C PRO A 219 -5.12 -3.58 -39.20
N ALA A 220 -4.06 -4.28 -38.80
CA ALA A 220 -4.04 -5.73 -38.94
C ALA A 220 -5.08 -6.37 -38.03
N MET A 221 -5.29 -5.81 -36.84
CA MET A 221 -6.35 -6.29 -35.96
C MET A 221 -7.72 -6.04 -36.56
N VAL A 222 -7.95 -4.83 -37.08
CA VAL A 222 -9.23 -4.48 -37.67
C VAL A 222 -9.55 -5.36 -38.86
N ALA A 223 -8.52 -5.71 -39.65
CA ALA A 223 -8.74 -6.55 -40.83
C ALA A 223 -9.33 -7.90 -40.45
N ARG A 224 -8.86 -8.48 -39.34
CA ARG A 224 -9.41 -9.75 -38.88
C ARG A 224 -10.77 -9.55 -38.21
N ALA A 225 -10.91 -8.50 -37.39
CA ALA A 225 -12.15 -8.30 -36.64
C ALA A 225 -13.33 -8.02 -37.55
N ARG A 226 -13.10 -7.53 -38.78
CA ARG A 226 -14.19 -7.29 -39.69
C ARG A 226 -14.85 -8.57 -40.18
N THR A 227 -14.20 -9.72 -40.01
CA THR A 227 -14.80 -10.99 -40.37
C THR A 227 -15.70 -11.55 -39.27
N ARG A 228 -15.56 -11.06 -38.03
CA ARG A 228 -16.32 -11.56 -36.89
C ARG A 228 -17.29 -10.55 -36.31
N LEU A 229 -17.21 -9.28 -36.70
CA LEU A 229 -18.06 -8.25 -36.13
C LEU A 229 -18.84 -7.54 -37.24
N ASP A 230 -20.02 -7.05 -36.89
CA ASP A 230 -20.80 -6.24 -37.82
C ASP A 230 -20.04 -5.01 -38.26
N GLU A 231 -19.09 -4.54 -37.44
CA GLU A 231 -18.51 -3.22 -37.62
C GLU A 231 -17.19 -3.18 -36.86
N ALA A 232 -16.12 -2.77 -37.54
CA ALA A 232 -14.81 -2.65 -36.92
C ALA A 232 -14.11 -1.42 -37.45
N HIS A 233 -13.59 -0.58 -36.56
CA HIS A 233 -12.96 0.68 -36.92
C HIS A 233 -11.50 0.69 -36.49
N CYS A 234 -10.68 1.36 -37.28
CA CYS A 234 -9.27 1.55 -36.97
C CYS A 234 -9.09 2.93 -36.35
N GLY A 235 -8.60 2.96 -35.11
CA GLY A 235 -8.35 4.20 -34.40
C GLY A 235 -8.13 3.97 -32.92
N ASP A 236 -7.43 4.89 -32.27
CA ASP A 236 -7.19 4.77 -30.84
C ASP A 236 -8.49 4.93 -30.06
N GLY A 237 -8.61 4.18 -28.97
CA GLY A 237 -9.79 4.28 -28.12
C GLY A 237 -10.02 5.66 -27.57
N ILE A 238 -8.96 6.48 -27.46
CA ILE A 238 -9.12 7.86 -27.01
C ILE A 238 -9.88 8.70 -28.02
N ARG A 239 -10.03 8.20 -29.24
CA ARG A 239 -10.93 8.77 -30.25
C ARG A 239 -11.98 7.70 -30.57
N PRO A 240 -13.02 7.58 -29.75
CA PRO A 240 -14.00 6.51 -29.96
C PRO A 240 -14.75 6.70 -31.27
N ALA A 241 -15.03 5.59 -31.93
CA ALA A 241 -15.62 5.58 -33.26
C ALA A 241 -17.14 5.64 -33.26
N ILE A 242 -17.78 5.65 -32.10
CA ILE A 242 -19.24 5.68 -32.02
C ILE A 242 -19.64 6.90 -31.21
N PRO A 243 -20.86 7.40 -31.38
CA PRO A 243 -21.32 8.53 -30.58
C PRO A 243 -21.42 8.16 -29.10
N GLU A 244 -21.42 9.20 -28.26
CA GLU A 244 -21.45 8.97 -26.82
C GLU A 244 -22.80 8.42 -26.39
N ALA A 245 -22.78 7.60 -25.34
CA ALA A 245 -23.99 7.04 -24.73
C ALA A 245 -24.85 6.33 -25.77
N SER A 246 -24.20 5.59 -26.67
CA SER A 246 -24.89 4.85 -27.73
C SER A 246 -24.74 3.35 -27.61
N ALA A 247 -23.96 2.86 -26.66
CA ALA A 247 -23.71 1.44 -26.50
C ALA A 247 -24.29 0.95 -25.18
N ASP A 248 -24.83 -0.26 -25.20
CA ASP A 248 -25.34 -0.90 -23.99
C ASP A 248 -24.30 -1.73 -23.28
N LEU A 249 -23.22 -2.09 -23.96
CA LEU A 249 -22.11 -2.82 -23.35
C LEU A 249 -20.81 -2.28 -23.92
N VAL A 250 -19.90 -1.88 -23.03
CA VAL A 250 -18.57 -1.41 -23.41
C VAL A 250 -17.54 -2.34 -22.78
N VAL A 251 -16.66 -2.88 -23.61
CA VAL A 251 -15.62 -3.80 -23.17
C VAL A 251 -14.28 -3.09 -23.24
N CYS A 252 -13.53 -3.13 -22.14
CA CYS A 252 -12.19 -2.55 -22.09
C CYS A 252 -11.21 -3.64 -21.72
N ARG A 253 -10.31 -3.95 -22.64
CA ARG A 253 -9.24 -4.92 -22.41
C ARG A 253 -7.87 -4.30 -22.59
N HIS A 254 -7.79 -2.98 -22.66
CA HIS A 254 -6.57 -2.27 -22.97
C HIS A 254 -6.11 -1.33 -21.87
N LEU A 255 -6.82 -1.25 -20.75
CA LEU A 255 -6.45 -0.41 -19.63
C LEU A 255 -5.44 -1.09 -18.70
N ASN A 256 -4.50 -1.85 -19.27
CA ASN A 256 -3.75 -2.83 -18.51
C ASN A 256 -2.26 -2.58 -18.61
N ALA A 257 -1.53 -3.14 -17.64
CA ALA A 257 -0.08 -3.06 -17.61
C ALA A 257 0.50 -3.60 -18.91
N PHE A 258 1.60 -2.99 -19.35
CA PHE A 258 2.34 -3.28 -20.58
C PHE A 258 1.59 -2.87 -21.83
N VAL A 259 0.40 -2.31 -21.71
CA VAL A 259 -0.35 -1.78 -22.85
C VAL A 259 -0.42 -0.26 -22.80
N VAL A 260 -0.72 0.30 -21.62
CA VAL A 260 -0.82 1.74 -21.43
C VAL A 260 -0.25 2.09 -20.06
N GLY A 261 0.01 3.39 -19.87
CA GLY A 261 0.38 3.89 -18.56
C GLY A 261 -0.84 4.22 -17.71
N THR A 262 -0.58 4.59 -16.45
CA THR A 262 -1.68 4.86 -15.53
C THR A 262 -2.55 6.01 -16.02
N GLY A 263 -1.93 7.14 -16.34
CA GLY A 263 -2.71 8.28 -16.83
C GLY A 263 -3.52 7.95 -18.07
N GLN A 264 -2.90 7.23 -19.01
CA GLN A 264 -3.60 6.86 -20.24
C GLN A 264 -4.76 5.92 -19.95
N ALA A 265 -4.54 4.90 -19.11
CA ALA A 265 -5.60 3.95 -18.79
C ALA A 265 -6.81 4.65 -18.20
N HIS A 266 -6.60 5.67 -17.38
CA HIS A 266 -7.74 6.39 -16.79
C HIS A 266 -8.42 7.29 -17.82
N ASP A 267 -7.66 7.84 -18.77
CA ASP A 267 -8.27 8.62 -19.84
C ASP A 267 -9.05 7.72 -20.79
N LEU A 268 -8.48 6.57 -21.16
CA LEU A 268 -9.18 5.63 -22.02
C LEU A 268 -10.42 5.06 -21.34
N LEU A 269 -10.37 4.88 -20.01
CA LEU A 269 -11.56 4.45 -19.29
C LEU A 269 -12.67 5.48 -19.42
N ALA A 270 -12.34 6.76 -19.23
CA ALA A 270 -13.34 7.81 -19.40
C ALA A 270 -13.79 7.94 -20.85
N ALA A 271 -12.94 7.55 -21.80
CA ALA A 271 -13.34 7.59 -23.20
C ALA A 271 -14.31 6.47 -23.54
N ALA A 272 -13.99 5.24 -23.14
CA ALA A 272 -14.86 4.11 -23.44
C ALA A 272 -16.18 4.21 -22.69
N ALA A 273 -16.12 4.61 -21.41
CA ALA A 273 -17.34 4.72 -20.61
C ALA A 273 -18.26 5.82 -21.13
N SER A 274 -17.70 6.88 -21.73
CA SER A 274 -18.54 7.90 -22.33
C SER A 274 -19.39 7.35 -23.48
N ARG A 275 -18.98 6.23 -24.07
CA ARG A 275 -19.78 5.56 -25.10
C ARG A 275 -20.93 4.76 -24.51
N CYS A 276 -20.87 4.45 -23.22
CA CYS A 276 -21.91 3.67 -22.56
C CYS A 276 -23.08 4.56 -22.18
N ARG A 277 -24.29 4.12 -22.54
CA ARG A 277 -25.48 4.86 -22.14
C ARG A 277 -25.78 4.62 -20.67
N GLU A 278 -26.65 5.46 -20.11
CA GLU A 278 -27.00 5.35 -18.70
C GLU A 278 -27.75 4.04 -18.45
N GLY A 279 -27.36 3.34 -17.40
CA GLY A 279 -27.91 2.03 -17.11
C GLY A 279 -27.26 0.90 -17.87
N GLY A 280 -26.31 1.20 -18.76
CA GLY A 280 -25.59 0.17 -19.48
C GLY A 280 -24.45 -0.40 -18.65
N LEU A 281 -23.72 -1.32 -19.26
CA LEU A 281 -22.67 -2.07 -18.58
C LEU A 281 -21.31 -1.77 -19.19
N VAL A 282 -20.31 -1.62 -18.32
CA VAL A 282 -18.92 -1.49 -18.70
C VAL A 282 -18.16 -2.68 -18.14
N VAL A 283 -17.38 -3.34 -18.98
CA VAL A 283 -16.65 -4.55 -18.59
C VAL A 283 -15.17 -4.29 -18.76
N LEU A 284 -14.41 -4.38 -17.67
CA LEU A 284 -12.96 -4.27 -17.68
C LEU A 284 -12.35 -5.59 -17.28
N LEU A 285 -11.41 -6.08 -18.08
CA LEU A 285 -10.64 -7.26 -17.74
C LEU A 285 -9.35 -7.22 -18.56
N GLY A 286 -8.60 -8.31 -18.53
CA GLY A 286 -7.35 -8.31 -19.27
C GLY A 286 -6.38 -9.42 -18.97
N HIS A 287 -5.60 -9.79 -19.99
CA HIS A 287 -4.53 -10.76 -19.82
C HIS A 287 -3.54 -10.30 -18.77
N THR A 288 -3.24 -9.00 -18.74
CA THR A 288 -2.34 -8.39 -17.80
C THR A 288 -3.12 -7.55 -16.79
N PRO A 289 -2.51 -7.19 -15.65
CA PRO A 289 -3.26 -6.49 -14.60
C PRO A 289 -3.98 -5.25 -15.10
N VAL A 290 -5.23 -5.10 -14.67
CA VAL A 290 -5.99 -3.88 -14.93
C VAL A 290 -5.40 -2.74 -14.09
N LEU A 291 -5.21 -1.59 -14.72
CA LEU A 291 -4.53 -0.47 -14.08
C LEU A 291 -5.47 0.48 -13.36
N VAL A 292 -6.78 0.27 -13.44
CA VAL A 292 -7.75 1.13 -12.78
C VAL A 292 -8.37 0.35 -11.63
N SER A 293 -8.66 1.06 -10.54
CA SER A 293 -9.29 0.45 -9.38
C SER A 293 -10.81 0.53 -9.52
N SER A 294 -11.50 -0.39 -8.82
CA SER A 294 -12.95 -0.31 -8.81
C SER A 294 -13.43 0.89 -8.01
N GLN A 295 -12.61 1.36 -7.06
CA GLN A 295 -12.95 2.58 -6.32
C GLN A 295 -12.96 3.79 -7.24
N TRP A 296 -12.00 3.88 -8.15
CA TRP A 296 -12.02 4.98 -9.13
C TRP A 296 -13.24 4.89 -10.04
N CYS A 297 -13.60 3.68 -10.46
CA CYS A 297 -14.82 3.51 -11.26
C CYS A 297 -16.05 3.99 -10.50
N GLU A 298 -16.15 3.64 -9.22
CA GLU A 298 -17.25 4.13 -8.40
C GLU A 298 -17.27 5.65 -8.32
N MET A 299 -16.08 6.26 -8.22
CA MET A 299 -16.01 7.72 -8.22
C MET A 299 -16.39 8.29 -9.58
N SER A 300 -16.18 7.52 -10.64
CA SER A 300 -16.56 7.91 -12.00
C SER A 300 -18.02 7.64 -12.31
N GLY A 301 -18.79 7.11 -11.35
CA GLY A 301 -20.18 6.79 -11.61
C GLY A 301 -20.40 5.43 -12.25
N LEU A 302 -19.45 4.50 -12.09
CA LEU A 302 -19.54 3.17 -12.65
C LEU A 302 -19.64 2.19 -11.48
N THR A 303 -20.86 1.87 -11.07
CA THR A 303 -21.09 1.03 -9.91
C THR A 303 -20.69 -0.42 -10.20
N PRO A 304 -19.74 -0.99 -9.46
CA PRO A 304 -19.31 -2.36 -9.74
C PRO A 304 -20.38 -3.38 -9.34
N LEU A 305 -20.75 -4.22 -10.29
CA LEU A 305 -21.65 -5.33 -10.02
C LEU A 305 -20.89 -6.61 -9.70
N GLN A 306 -19.68 -6.75 -10.23
CA GLN A 306 -18.77 -7.80 -9.83
C GLN A 306 -17.36 -7.34 -10.14
N ARG A 307 -16.39 -7.92 -9.45
CA ARG A 307 -15.01 -7.51 -9.60
C ARG A 307 -14.10 -8.62 -10.13
N SER A 308 -14.38 -9.87 -9.80
CA SER A 308 -13.58 -10.99 -10.26
C SER A 308 -14.50 -12.10 -10.75
N GLY A 309 -13.90 -13.07 -11.46
CA GLY A 309 -14.62 -14.25 -11.89
C GLY A 309 -13.75 -15.47 -11.69
N ALA A 310 -14.41 -16.63 -11.64
CA ALA A 310 -13.72 -17.88 -11.42
C ALA A 310 -13.95 -18.83 -12.60
N THR A 311 -13.03 -19.76 -12.77
CA THR A 311 -13.21 -20.82 -13.74
C THR A 311 -14.31 -21.76 -13.26
N PRO A 312 -15.00 -22.44 -14.19
CA PRO A 312 -16.10 -23.33 -13.78
C PRO A 312 -15.70 -24.34 -12.72
N SER A 313 -14.46 -24.83 -12.74
CA SER A 313 -14.00 -25.75 -11.72
C SER A 313 -13.76 -25.05 -10.39
N GLY A 314 -13.61 -23.73 -10.38
CA GLY A 314 -13.24 -23.01 -9.20
C GLY A 314 -11.77 -23.02 -8.88
N HIS A 315 -10.94 -23.48 -9.82
CA HIS A 315 -9.51 -23.62 -9.56
C HIS A 315 -8.74 -22.31 -9.71
N ALA A 316 -9.32 -21.33 -10.39
CA ALA A 316 -8.60 -20.09 -10.66
C ALA A 316 -9.54 -18.90 -10.55
N LEU A 317 -8.93 -17.74 -10.26
CA LEU A 317 -9.62 -16.45 -10.26
C LEU A 317 -8.96 -15.53 -11.27
N PHE A 318 -9.74 -14.58 -11.78
CA PHE A 318 -9.23 -13.58 -12.72
C PHE A 318 -10.00 -12.30 -12.52
N GLN A 319 -9.43 -11.20 -12.99
CA GLN A 319 -10.11 -9.91 -12.92
C GLN A 319 -11.24 -9.86 -13.93
N CYS A 320 -12.40 -9.38 -13.50
CA CYS A 320 -13.53 -9.21 -14.39
C CYS A 320 -14.49 -8.18 -13.82
N TYR A 321 -14.18 -6.90 -14.03
CA TYR A 321 -15.02 -5.83 -13.51
C TYR A 321 -16.23 -5.65 -14.42
N VAL A 322 -17.42 -5.86 -13.87
CA VAL A 322 -18.66 -5.51 -14.55
C VAL A 322 -19.27 -4.35 -13.79
N LEU A 323 -19.49 -3.24 -14.49
CA LEU A 323 -19.91 -1.99 -13.88
C LEU A 323 -21.16 -1.49 -14.56
N ARG A 324 -22.03 -0.84 -13.78
CA ARG A 324 -23.22 -0.20 -14.33
C ARG A 324 -23.03 1.30 -14.30
N LYS A 325 -23.15 1.94 -15.47
CA LYS A 325 -23.02 3.38 -15.57
C LYS A 325 -24.27 4.05 -15.02
N GLY A 326 -24.07 5.04 -14.15
CA GLY A 326 -25.18 5.73 -13.51
C GLY A 326 -25.43 7.12 -14.05
N GLY B 34 -19.80 0.70 3.57
CA GLY B 34 -21.05 1.01 2.91
C GLY B 34 -21.15 2.45 2.43
N GLN B 35 -19.99 3.05 2.15
CA GLN B 35 -19.92 4.44 1.69
C GLN B 35 -19.09 4.50 0.42
N ALA B 36 -19.61 5.19 -0.59
CA ALA B 36 -18.86 5.36 -1.83
C ALA B 36 -17.51 5.98 -1.55
N PRO B 37 -16.44 5.51 -2.19
CA PRO B 37 -15.10 5.87 -1.75
C PRO B 37 -14.72 7.30 -2.11
N ASP B 38 -13.71 7.80 -1.41
CA ASP B 38 -13.06 9.07 -1.69
C ASP B 38 -11.59 8.81 -1.94
N ARG B 39 -10.89 9.84 -2.42
CA ARG B 39 -9.48 9.67 -2.77
C ARG B 39 -8.66 10.85 -2.24
N VAL B 40 -7.58 10.53 -1.53
CA VAL B 40 -6.59 11.51 -1.11
C VAL B 40 -5.32 11.25 -1.90
N VAL B 41 -4.73 12.32 -2.43
CA VAL B 41 -3.58 12.23 -3.32
C VAL B 41 -2.42 13.03 -2.74
N GLU B 42 -1.21 12.51 -2.92
CA GLU B 42 0.02 13.26 -2.66
C GLU B 42 0.96 13.01 -3.83
N THR B 43 1.40 14.09 -4.48
CA THR B 43 2.33 13.97 -5.59
C THR B 43 3.76 13.89 -5.08
N TYR B 44 4.65 13.39 -5.94
CA TYR B 44 6.05 13.24 -5.56
C TYR B 44 6.81 14.53 -5.72
N ALA B 45 6.51 15.30 -6.77
CA ALA B 45 7.27 16.51 -7.07
C ALA B 45 7.01 17.61 -6.05
N GLU B 46 5.73 17.87 -5.75
CA GLU B 46 5.37 18.94 -4.84
C GLU B 46 4.57 18.50 -3.62
N GLY B 47 3.93 17.34 -3.67
CA GLY B 47 3.17 16.85 -2.53
C GLY B 47 4.07 16.39 -1.40
N LYS B 48 3.42 15.92 -0.34
CA LYS B 48 4.11 15.47 0.88
C LYS B 48 3.60 14.07 1.22
N PRO B 49 4.05 13.05 0.50
CA PRO B 49 3.60 11.68 0.82
C PRO B 49 3.88 11.28 2.25
N TYR B 50 4.95 11.80 2.85
CA TYR B 50 5.26 11.48 4.24
C TYR B 50 4.21 11.98 5.21
N ASP B 51 3.29 12.84 4.78
CA ASP B 51 2.24 13.36 5.64
C ASP B 51 1.01 12.46 5.69
N LEU B 52 0.96 11.41 4.87
CA LEU B 52 -0.12 10.44 4.93
C LEU B 52 0.22 9.39 5.98
N PHE B 53 -0.59 9.29 7.01
CA PHE B 53 -0.36 8.32 8.08
C PHE B 53 -1.51 7.33 8.13
N PHE B 54 -1.18 6.10 8.51
CA PHE B 54 -2.16 5.04 8.69
C PHE B 54 -2.28 4.72 10.17
N LEU B 55 -3.50 4.43 10.61
CA LEU B 55 -3.78 4.03 11.99
C LEU B 55 -4.39 2.64 11.95
N ASP B 56 -3.66 1.66 12.50
CA ASP B 56 -4.13 0.27 12.52
C ASP B 56 -4.82 0.02 13.86
N VAL B 57 -6.11 0.39 13.91
CA VAL B 57 -6.91 0.30 15.12
C VAL B 57 -8.16 -0.53 14.82
N ALA B 58 -8.50 -1.43 15.75
CA ALA B 58 -9.71 -2.26 15.65
C ALA B 58 -9.66 -3.20 14.45
N GLY B 59 -8.47 -3.64 14.06
CA GLY B 59 -8.36 -4.54 12.92
C GLY B 59 -8.68 -3.90 11.58
N VAL B 60 -8.65 -2.58 11.50
CA VAL B 60 -8.89 -1.86 10.25
C VAL B 60 -7.89 -0.72 10.16
N ARG B 61 -7.59 -0.30 8.93
CA ARG B 61 -6.67 0.79 8.67
C ARG B 61 -7.45 2.05 8.38
N LEU B 62 -7.09 3.13 9.08
CA LEU B 62 -7.58 4.47 8.76
C LEU B 62 -6.46 5.27 8.12
N VAL B 63 -6.84 6.28 7.36
CA VAL B 63 -5.89 7.15 6.67
C VAL B 63 -6.14 8.58 7.12
N GLY B 64 -5.05 9.32 7.36
CA GLY B 64 -5.14 10.73 7.63
C GLY B 64 -3.98 11.47 6.98
N ARG B 65 -4.09 12.79 6.99
CA ARG B 65 -3.02 13.67 6.52
C ARG B 65 -2.60 14.55 7.69
N LYS B 66 -1.32 14.51 8.02
CA LYS B 66 -0.81 15.28 9.14
C LYS B 66 -0.83 16.77 8.84
N THR B 67 -1.41 17.54 9.75
CA THR B 67 -1.33 19.00 9.72
C THR B 67 -0.65 19.47 11.00
N GLU B 68 -0.66 20.79 11.23
CA GLU B 68 -0.08 21.33 12.44
C GLU B 68 -0.90 20.87 13.66
N ALA B 69 -0.21 20.26 14.62
CA ALA B 69 -0.86 19.72 15.80
C ALA B 69 -0.84 20.74 16.94
N ALA B 70 -1.85 20.65 17.81
CA ALA B 70 -1.83 21.41 19.05
C ALA B 70 -0.68 20.91 19.91
N TYR B 71 0.32 21.77 20.12
CA TYR B 71 1.55 21.38 20.79
C TYR B 71 1.89 22.37 21.88
N PRO B 72 2.32 21.89 23.06
CA PRO B 72 2.49 20.47 23.38
C PRO B 72 1.20 19.80 23.87
N GLY B 73 0.24 20.61 24.31
CA GLY B 73 -1.02 20.09 24.81
C GLY B 73 -2.21 20.68 24.10
N PRO B 74 -3.42 20.28 24.51
CA PRO B 74 -4.63 20.78 23.87
C PRO B 74 -4.92 22.23 24.22
N ASP B 75 -5.98 22.78 23.64
CA ASP B 75 -6.33 24.18 23.85
C ASP B 75 -7.03 24.38 25.19
N GLY B 78 -9.04 28.17 28.73
CA GLY B 78 -9.53 28.46 27.41
C GLY B 78 -8.55 29.25 26.56
N LEU B 79 -7.28 28.84 26.60
CA LEU B 79 -6.21 29.49 25.84
C LEU B 79 -5.77 28.59 24.71
N PRO B 80 -5.64 29.12 23.49
CA PRO B 80 -5.31 28.27 22.34
C PRO B 80 -3.82 27.96 22.28
N ALA B 81 -3.50 26.68 22.17
CA ALA B 81 -2.11 26.25 22.13
C ALA B 81 -1.49 26.56 20.77
N GLU B 82 -0.16 26.62 20.75
CA GLU B 82 0.56 26.83 19.50
C GLU B 82 0.43 25.61 18.61
N ARG B 83 0.51 25.83 17.31
CA ARG B 83 0.47 24.77 16.32
C ARG B 83 1.88 24.48 15.81
N LEU B 84 2.14 23.22 15.50
CA LEU B 84 3.50 22.81 15.14
C LEU B 84 3.44 21.51 14.34
N LYS B 85 4.09 21.50 13.18
CA LYS B 85 4.35 20.25 12.49
C LYS B 85 5.31 19.42 13.33
N CYS B 86 4.85 18.27 13.79
CA CYS B 86 5.67 17.43 14.67
C CYS B 86 5.20 15.99 14.53
N ALA B 87 5.56 15.16 15.51
CA ALA B 87 5.19 13.75 15.53
C ALA B 87 3.73 13.53 15.91
N LEU B 88 3.02 14.58 16.32
CA LEU B 88 1.67 14.44 16.85
C LEU B 88 0.64 14.41 15.73
N VAL B 89 -0.30 13.47 15.81
CA VAL B 89 -1.49 13.47 14.97
C VAL B 89 -2.71 13.58 15.88
N GLU B 90 -3.77 14.19 15.35
CA GLU B 90 -5.02 14.35 16.08
C GLU B 90 -6.17 13.71 15.30
N ALA B 91 -7.29 13.53 16.00
CA ALA B 91 -8.45 12.87 15.39
C ALA B 91 -8.96 13.66 14.19
N ARG B 92 -8.89 14.99 14.25
CA ARG B 92 -9.33 15.81 13.13
C ARG B 92 -8.50 15.56 11.88
N MET B 93 -7.29 15.02 12.02
CA MET B 93 -6.43 14.75 10.87
C MET B 93 -6.82 13.48 10.13
N LEU B 94 -7.64 12.62 10.73
CA LEU B 94 -8.11 11.44 10.04
C LEU B 94 -8.94 11.83 8.81
N LEU B 95 -9.04 10.91 7.87
CA LEU B 95 -9.81 11.14 6.65
C LEU B 95 -10.87 10.08 6.44
N GLY B 96 -10.52 8.80 6.54
CA GLY B 96 -11.51 7.76 6.37
C GLY B 96 -10.90 6.39 6.55
N VAL B 97 -11.70 5.38 6.21
CA VAL B 97 -11.32 3.98 6.35
C VAL B 97 -10.71 3.50 5.05
N VAL B 98 -9.46 3.02 5.10
CA VAL B 98 -8.75 2.64 3.90
C VAL B 98 -9.44 1.47 3.21
N GLU B 99 -9.74 1.64 1.93
CA GLU B 99 -10.17 0.55 1.07
C GLU B 99 -8.99 -0.04 0.30
N ARG B 100 -8.20 0.82 -0.34
CA ARG B 100 -7.15 0.39 -1.25
C ARG B 100 -6.29 1.61 -1.58
N ASP B 101 -5.04 1.34 -1.98
CA ASP B 101 -4.14 2.37 -2.43
C ASP B 101 -3.67 2.08 -3.85
N GLN B 102 -3.02 3.08 -4.47
CA GLN B 102 -2.44 2.91 -5.79
C GLN B 102 -1.20 3.79 -5.85
N VAL B 103 -0.03 3.17 -5.71
CA VAL B 103 1.25 3.86 -5.85
C VAL B 103 1.57 3.92 -7.35
N ALA B 104 1.56 5.13 -7.91
CA ALA B 104 1.72 5.33 -9.34
C ALA B 104 3.12 5.87 -9.65
N GLU B 105 3.30 6.32 -10.89
CA GLU B 105 4.61 6.81 -11.32
C GLU B 105 4.95 8.14 -10.67
N ASP B 106 3.96 9.04 -10.56
CA ASP B 106 4.22 10.41 -10.12
C ASP B 106 3.42 10.80 -8.89
N HIS B 107 2.67 9.87 -8.28
CA HIS B 107 1.89 10.20 -7.10
C HIS B 107 1.49 8.91 -6.41
N VAL B 108 0.94 9.05 -5.21
CA VAL B 108 0.34 7.95 -4.47
C VAL B 108 -1.08 8.35 -4.11
N ALA B 109 -2.01 7.42 -4.27
CA ALA B 109 -3.42 7.66 -3.98
C ALA B 109 -3.92 6.64 -2.96
N VAL B 110 -4.81 7.09 -2.07
CA VAL B 110 -5.43 6.22 -1.08
C VAL B 110 -6.93 6.37 -1.22
N PHE B 111 -7.61 5.28 -1.57
CA PHE B 111 -9.06 5.27 -1.64
C PHE B 111 -9.64 4.88 -0.30
N HIS B 112 -10.66 5.61 0.14
CA HIS B 112 -11.17 5.45 1.49
C HIS B 112 -12.61 5.96 1.56
N ARG B 113 -13.35 5.43 2.54
CA ARG B 113 -14.66 5.94 2.87
C ARG B 113 -14.52 7.02 3.94
N PRO B 114 -14.94 8.25 3.69
CA PRO B 114 -14.71 9.32 4.66
C PRO B 114 -15.47 9.08 5.96
N LEU B 115 -14.84 9.47 7.06
CA LEU B 115 -15.42 9.33 8.39
C LEU B 115 -16.04 10.65 8.85
N GLY B 116 -17.12 10.54 9.62
CA GLY B 116 -17.65 11.71 10.28
C GLY B 116 -16.75 12.15 11.43
N GLU B 117 -16.89 13.43 11.80
CA GLU B 117 -15.99 13.98 12.82
C GLU B 117 -16.19 13.29 14.17
N ALA B 118 -17.44 13.00 14.53
CA ALA B 118 -17.68 12.23 15.75
C ALA B 118 -17.13 10.80 15.62
N GLU B 119 -17.15 10.26 14.40
CA GLU B 119 -16.64 8.91 14.19
C GLU B 119 -15.12 8.85 14.32
N LYS B 120 -14.42 9.90 13.92
CA LYS B 120 -12.97 9.92 14.03
C LYS B 120 -12.53 9.91 15.48
N ALA B 121 -13.17 10.73 16.32
CA ALA B 121 -12.79 10.79 17.72
C ALA B 121 -13.05 9.46 18.42
N GLU B 122 -14.12 8.76 18.04
CA GLU B 122 -14.40 7.47 18.63
C GLU B 122 -13.32 6.45 18.27
N LEU B 123 -12.91 6.42 17.00
CA LEU B 123 -11.84 5.51 16.61
C LEU B 123 -10.48 5.97 17.11
N PHE B 124 -10.27 7.29 17.19
CA PHE B 124 -9.02 7.81 17.73
C PHE B 124 -8.90 7.51 19.22
N ALA B 125 -10.00 7.60 19.96
CA ALA B 125 -9.97 7.27 21.38
C ALA B 125 -9.63 5.80 21.60
N ALA B 126 -10.14 4.93 20.74
CA ALA B 126 -9.81 3.50 20.85
C ALA B 126 -8.34 3.25 20.57
N ALA B 127 -7.71 4.09 19.74
CA ALA B 127 -6.28 3.96 19.49
C ALA B 127 -5.47 4.51 20.65
N VAL B 128 -5.94 5.60 21.27
CA VAL B 128 -5.29 6.13 22.47
C VAL B 128 -5.30 5.09 23.57
N ALA B 129 -6.41 4.37 23.72
CA ALA B 129 -6.59 3.38 24.78
C ALA B 129 -5.80 2.09 24.55
N ASP B 130 -5.05 1.99 23.45
CA ASP B 130 -4.32 0.77 23.11
C ASP B 130 -2.98 1.19 22.50
N PRO B 131 -1.93 1.32 23.32
CA PRO B 131 -0.63 1.76 22.79
C PRO B 131 0.00 0.77 21.82
N THR B 132 -0.58 -0.42 21.64
CA THR B 132 -0.12 -1.34 20.62
C THR B 132 -0.60 -0.95 19.22
N THR B 133 -1.52 0.02 19.12
CA THR B 133 -1.94 0.53 17.82
C THR B 133 -0.74 1.00 17.02
N ASP B 134 -0.61 0.47 15.81
CA ASP B 134 0.47 0.91 14.93
C ASP B 134 0.04 2.16 14.19
N LEU B 135 0.82 3.22 14.35
CA LEU B 135 0.69 4.45 13.57
C LEU B 135 1.95 4.58 12.73
N TYR B 136 1.78 4.56 11.41
CA TYR B 136 2.93 4.53 10.52
C TYR B 136 2.63 5.41 9.30
N TYR B 137 3.68 5.65 8.52
CA TYR B 137 3.61 6.48 7.33
C TYR B 137 4.22 5.67 6.19
N PRO B 138 3.40 4.92 5.46
CA PRO B 138 3.95 3.93 4.51
C PRO B 138 4.52 4.54 3.24
N TYR B 139 4.33 5.83 2.99
CA TYR B 139 4.88 6.50 1.82
C TYR B 139 5.92 7.55 2.18
N ALA B 140 6.52 7.45 3.37
CA ALA B 140 7.45 8.47 3.82
C ALA B 140 8.72 8.51 2.98
N GLN B 141 9.12 7.38 2.39
CA GLN B 141 10.32 7.32 1.58
C GLN B 141 10.06 7.59 0.11
N LEU B 142 8.85 8.03 -0.24
CA LEU B 142 8.49 8.33 -1.62
C LEU B 142 8.31 9.84 -1.78
N GLY B 143 8.75 10.37 -2.92
CA GLY B 143 8.64 11.77 -3.20
C GLY B 143 10.00 12.46 -3.24
N ASP B 144 10.00 13.67 -3.77
CA ASP B 144 11.23 14.44 -3.97
C ASP B 144 11.64 15.24 -2.75
N ARG B 145 10.68 15.69 -1.93
CA ARG B 145 11.01 16.53 -0.79
C ARG B 145 11.94 15.81 0.19
N VAL B 146 11.73 14.50 0.37
CA VAL B 146 12.59 13.73 1.28
C VAL B 146 13.96 13.45 0.68
N ARG B 147 14.19 13.80 -0.58
CA ARG B 147 15.50 13.64 -1.20
C ARG B 147 16.32 14.93 -1.19
N GLU B 148 15.67 16.08 -1.21
CA GLU B 148 16.37 17.37 -1.23
C GLU B 148 16.95 17.70 0.14
N GLY B 153 25.57 22.04 8.19
CA GLY B 153 26.66 22.92 8.59
C GLY B 153 27.40 22.44 9.83
N TRP B 154 28.42 23.17 10.24
CA TRP B 154 29.21 22.78 11.40
C TRP B 154 28.60 23.23 12.71
N GLU B 155 27.87 24.34 12.71
CA GLU B 155 27.42 25.00 13.94
C GLU B 155 26.01 24.59 14.29
N VAL B 156 25.78 24.38 15.59
CA VAL B 156 24.45 24.26 16.16
C VAL B 156 24.31 25.39 17.17
N THR B 157 23.42 26.34 16.88
CA THR B 157 23.23 27.48 17.75
C THR B 157 22.46 27.09 19.01
N ASP B 158 22.47 27.98 19.99
CA ASP B 158 21.71 27.74 21.21
C ASP B 158 20.22 27.67 20.91
N GLU B 159 19.72 28.59 20.08
CA GLU B 159 18.30 28.58 19.73
C GLU B 159 17.93 27.35 18.92
N SER B 160 18.85 26.83 18.10
CA SER B 160 18.56 25.62 17.34
C SER B 160 18.49 24.41 18.26
N ALA B 161 19.36 24.36 19.27
CA ALA B 161 19.27 23.29 20.26
C ALA B 161 17.96 23.40 21.04
N ARG B 162 17.53 24.63 21.34
CA ARG B 162 16.24 24.84 21.97
C ARG B 162 15.12 24.39 21.06
N GLU B 163 15.26 24.62 19.75
CA GLU B 163 14.22 24.23 18.79
C GLU B 163 13.97 22.74 18.83
N LEU B 164 15.03 21.93 18.87
CA LEU B 164 14.85 20.48 18.82
C LEU B 164 14.30 19.94 20.14
N ASP B 165 14.86 20.39 21.26
CA ASP B 165 14.38 19.92 22.56
C ASP B 165 12.90 20.24 22.75
N HIS B 166 12.45 21.38 22.23
CA HIS B 166 11.03 21.72 22.33
C HIS B 166 10.18 20.77 21.49
N ALA B 167 10.63 20.43 20.29
CA ALA B 167 9.87 19.52 19.44
C ALA B 167 9.79 18.12 20.02
N GLU B 168 10.68 17.77 20.95
CA GLU B 168 10.70 16.47 21.58
C GLU B 168 10.15 16.50 23.00
N GLU B 169 9.55 17.61 23.42
CA GLU B 169 9.14 17.76 24.82
C GLU B 169 8.02 16.78 25.17
N VAL B 170 6.99 16.69 24.32
CA VAL B 170 5.93 15.70 24.53
C VAL B 170 6.53 14.31 24.61
N LEU B 171 7.56 14.05 23.80
CA LEU B 171 8.21 12.76 23.78
C LEU B 171 9.07 12.54 25.02
N ARG B 172 9.70 13.60 25.53
CA ARG B 172 10.49 13.47 26.74
C ARG B 172 9.60 13.22 27.96
N ASP B 173 8.44 13.85 28.00
CA ASP B 173 7.55 13.71 29.16
C ASP B 173 6.96 12.32 29.28
N HIS B 174 6.96 11.54 28.19
CA HIS B 174 6.19 10.30 28.10
C HIS B 174 7.05 9.05 28.25
N VAL B 175 8.12 8.94 27.48
CA VAL B 175 8.88 7.67 27.41
C VAL B 175 9.41 7.24 28.77
N PRO B 176 10.08 8.09 29.57
CA PRO B 176 10.66 7.58 30.82
C PRO B 176 9.64 7.01 31.80
N ASP B 177 8.49 7.68 31.96
CA ASP B 177 7.43 7.09 32.78
C ASP B 177 6.88 5.81 32.15
N ARG B 178 6.81 5.78 30.82
CA ARG B 178 6.28 4.61 30.14
C ARG B 178 7.26 3.43 30.18
N LEU B 179 8.56 3.71 30.12
CA LEU B 179 9.55 2.64 30.20
C LEU B 179 9.55 2.00 31.58
N ALA B 180 9.17 2.74 32.62
CA ALA B 180 9.09 2.16 33.95
C ALA B 180 7.98 1.13 34.04
N GLU B 181 6.83 1.41 33.43
CA GLU B 181 5.71 0.47 33.45
C GLU B 181 5.96 -0.77 32.61
N LEU B 182 6.97 -0.77 31.75
CA LEU B 182 7.27 -1.90 30.88
C LEU B 182 8.41 -2.76 31.41
N GLY B 183 8.81 -2.58 32.66
CA GLY B 183 9.78 -3.44 33.29
C GLY B 183 11.22 -2.97 33.27
N PHE B 184 11.51 -1.84 32.61
CA PHE B 184 12.88 -1.36 32.56
C PHE B 184 13.36 -0.98 33.96
N ARG B 185 14.43 -1.65 34.40
CA ARG B 185 14.95 -1.48 35.75
C ARG B 185 16.25 -0.72 35.81
N GLY B 186 16.93 -0.51 34.68
CA GLY B 186 18.12 0.30 34.67
C GLY B 186 19.26 -0.41 33.99
N GLY B 187 20.47 0.07 34.28
CA GLY B 187 21.67 -0.48 33.68
C GLY B 187 22.39 0.52 32.80
N VAL B 188 22.61 0.16 31.53
CA VAL B 188 23.28 1.01 30.56
C VAL B 188 22.25 1.46 29.54
N ALA B 189 22.12 2.76 29.35
CA ALA B 189 21.19 3.34 28.39
C ALA B 189 21.98 3.99 27.27
N TYR B 190 21.82 3.46 26.05
CA TYR B 190 22.57 3.91 24.89
C TYR B 190 21.65 4.62 23.92
N ASP B 191 21.98 5.87 23.59
CA ASP B 191 21.24 6.67 22.62
C ASP B 191 22.11 6.81 21.37
N ALA B 192 21.70 6.14 20.29
CA ALA B 192 22.53 6.06 19.09
C ALA B 192 22.59 7.38 18.32
N ALA B 193 21.63 8.29 18.54
CA ALA B 193 21.61 9.60 17.90
C ALA B 193 21.13 10.61 18.95
N CYS B 194 21.99 10.87 19.93
CA CYS B 194 21.56 11.52 21.16
C CYS B 194 21.18 12.99 20.97
N SER B 195 21.61 13.62 19.88
CA SER B 195 21.29 15.02 19.60
C SER B 195 21.79 15.86 20.77
N THR B 196 20.98 16.75 21.36
CA THR B 196 21.45 17.54 22.48
C THR B 196 21.66 16.72 23.75
N GLY B 197 21.18 15.48 23.79
CA GLY B 197 21.30 14.66 24.97
C GLY B 197 20.22 14.87 26.01
N ALA B 198 19.33 15.83 25.79
CA ALA B 198 18.29 16.10 26.78
C ALA B 198 17.38 14.89 26.98
N PHE B 199 17.09 14.16 25.90
CA PHE B 199 16.19 13.02 26.01
C PHE B 199 16.78 11.93 26.90
N LEU B 200 17.99 11.48 26.60
CA LEU B 200 18.62 10.47 27.42
C LEU B 200 18.85 10.96 28.85
N GLN B 201 19.04 12.27 29.03
CA GLN B 201 19.15 12.82 30.38
C GLN B 201 17.84 12.64 31.14
N ALA B 202 16.71 12.80 30.46
CA ALA B 202 15.42 12.53 31.11
C ALA B 202 15.34 11.09 31.58
N VAL B 203 15.79 10.15 30.74
CA VAL B 203 15.78 8.73 31.12
C VAL B 203 16.68 8.50 32.34
N GLY B 204 17.89 9.08 32.30
CA GLY B 204 18.80 8.95 33.42
C GLY B 204 18.27 9.49 34.73
N ARG B 205 17.26 10.36 34.67
CA ARG B 205 16.66 10.90 35.89
C ARG B 205 15.55 10.02 36.44
N ARG B 206 14.77 9.36 35.57
CA ARG B 206 13.74 8.44 36.05
C ARG B 206 14.36 7.19 36.65
N PHE B 207 15.55 6.80 36.20
CA PHE B 207 16.25 5.61 36.68
C PHE B 207 17.64 6.02 37.10
N PRO B 208 17.78 6.58 38.31
CA PRO B 208 19.11 6.98 38.79
C PRO B 208 20.03 5.77 38.90
N GLY B 209 21.33 6.02 38.74
CA GLY B 209 22.31 4.97 38.67
C GLY B 209 22.55 4.41 37.29
N THR B 210 21.68 4.72 36.33
CA THR B 210 21.88 4.27 34.96
C THR B 210 23.01 5.05 34.30
N ARG B 211 23.93 4.34 33.68
CA ARG B 211 24.98 4.98 32.90
C ARG B 211 24.41 5.38 31.54
N THR B 212 24.44 6.67 31.23
CA THR B 212 23.87 7.20 30.00
C THR B 212 24.98 7.39 28.98
N ILE B 213 24.93 6.63 27.89
CA ILE B 213 25.92 6.72 26.81
C ILE B 213 25.26 7.39 25.62
N GLY B 214 25.89 8.46 25.12
CA GLY B 214 25.39 9.19 23.98
C GLY B 214 26.29 9.00 22.77
N GLN B 215 25.68 9.04 21.59
CA GLN B 215 26.42 9.05 20.34
C GLN B 215 25.62 9.85 19.32
N ASP B 216 26.33 10.59 18.48
CA ASP B 216 25.69 11.36 17.42
C ASP B 216 26.71 11.64 16.33
N LEU B 217 26.23 11.69 15.09
CA LEU B 217 27.10 11.99 13.97
C LEU B 217 27.68 13.39 14.06
N SER B 218 26.92 14.34 14.60
CA SER B 218 27.30 15.74 14.58
C SER B 218 28.21 16.06 15.76
N PRO B 219 29.41 16.60 15.54
CA PRO B 219 30.27 16.98 16.67
C PRO B 219 29.72 18.12 17.49
N ALA B 220 28.93 19.02 16.88
CA ALA B 220 28.29 20.07 17.66
C ALA B 220 27.26 19.49 18.62
N MET B 221 26.59 18.40 18.23
CA MET B 221 25.67 17.71 19.13
C MET B 221 26.41 17.08 20.30
N VAL B 222 27.53 16.40 20.01
CA VAL B 222 28.29 15.71 21.05
C VAL B 222 28.75 16.68 22.12
N ALA B 223 29.15 17.89 21.73
CA ALA B 223 29.64 18.86 22.70
C ALA B 223 28.55 19.27 23.69
N ARG B 224 27.31 19.44 23.20
CA ARG B 224 26.21 19.75 24.10
C ARG B 224 25.80 18.53 24.91
N ALA B 225 25.79 17.35 24.29
CA ALA B 225 25.39 16.13 25.00
C ALA B 225 26.41 15.70 26.04
N ARG B 226 27.67 16.16 25.92
CA ARG B 226 28.68 15.85 26.93
C ARG B 226 28.37 16.49 28.27
N THR B 227 27.65 17.62 28.25
CA THR B 227 27.25 18.31 29.48
C THR B 227 26.05 17.67 30.14
N ARG B 228 25.41 16.70 29.48
CA ARG B 228 24.18 16.09 29.97
C ARG B 228 24.31 14.61 30.30
N LEU B 229 25.27 13.91 29.71
CA LEU B 229 25.35 12.46 29.80
C LEU B 229 26.68 12.05 30.41
N ASP B 230 26.73 10.80 30.85
CA ASP B 230 27.97 10.28 31.43
C ASP B 230 29.09 10.25 30.40
N GLU B 231 28.77 9.92 29.15
CA GLU B 231 29.73 10.05 28.08
C GLU B 231 28.98 10.26 26.76
N ALA B 232 29.64 10.95 25.84
CA ALA B 232 29.08 11.25 24.53
C ALA B 232 30.17 11.06 23.49
N HIS B 233 29.87 10.27 22.46
CA HIS B 233 30.84 9.91 21.44
C HIS B 233 30.41 10.47 20.10
N CYS B 234 31.39 10.90 19.31
CA CYS B 234 31.15 11.42 17.97
C CYS B 234 31.42 10.32 16.96
N GLY B 235 30.45 10.04 16.11
CA GLY B 235 30.65 9.04 15.07
C GLY B 235 29.34 8.51 14.54
N ASP B 236 29.41 7.95 13.34
CA ASP B 236 28.25 7.31 12.73
C ASP B 236 27.82 6.12 13.56
N GLY B 237 26.52 6.05 13.86
CA GLY B 237 25.96 4.93 14.59
C GLY B 237 26.13 3.60 13.90
N ILE B 238 26.47 3.60 12.60
CA ILE B 238 26.81 2.36 11.92
C ILE B 238 28.09 1.77 12.48
N ARG B 239 28.91 2.58 13.15
CA ARG B 239 30.03 2.11 13.95
C ARG B 239 29.73 2.43 15.41
N PRO B 240 28.98 1.56 16.11
CA PRO B 240 28.55 1.88 17.48
C PRO B 240 29.74 1.95 18.44
N ALA B 241 29.72 2.97 19.29
CA ALA B 241 30.82 3.26 20.23
C ALA B 241 30.62 2.61 21.59
N ILE B 242 30.12 1.38 21.61
CA ILE B 242 29.61 0.75 22.83
C ILE B 242 29.72 -0.76 22.57
N PRO B 243 30.09 -1.59 23.55
CA PRO B 243 30.35 -2.99 23.22
C PRO B 243 29.12 -3.72 22.71
N GLU B 244 29.37 -4.71 21.87
CA GLU B 244 28.28 -5.39 21.18
C GLU B 244 27.50 -6.24 22.19
N ALA B 245 26.18 -6.03 22.24
CA ALA B 245 25.26 -6.76 23.09
C ALA B 245 25.53 -6.53 24.57
N SER B 246 25.45 -5.26 24.98
CA SER B 246 25.81 -4.87 26.33
C SER B 246 24.95 -3.77 26.91
N ALA B 247 23.95 -3.28 26.19
CA ALA B 247 23.11 -2.20 26.68
C ALA B 247 21.79 -2.77 27.17
N ASP B 248 21.21 -2.10 28.16
CA ASP B 248 19.87 -2.45 28.63
C ASP B 248 18.79 -1.66 27.91
N LEU B 249 19.14 -0.54 27.30
CA LEU B 249 18.18 0.28 26.56
C LEU B 249 18.89 0.94 25.39
N VAL B 250 18.30 0.85 24.20
CA VAL B 250 18.80 1.50 23.00
C VAL B 250 17.71 2.41 22.46
N VAL B 251 18.06 3.67 22.20
CA VAL B 251 17.14 4.67 21.69
C VAL B 251 17.57 5.06 20.28
N CYS B 252 16.61 5.13 19.36
CA CYS B 252 16.87 5.56 17.98
C CYS B 252 15.87 6.63 17.60
N ARG B 253 16.37 7.84 17.36
CA ARG B 253 15.57 8.93 16.81
C ARG B 253 16.00 9.30 15.39
N HIS B 254 16.91 8.53 14.79
CA HIS B 254 17.50 8.86 13.51
C HIS B 254 17.07 7.95 12.37
N LEU B 255 16.21 6.95 12.63
CA LEU B 255 15.74 6.06 11.57
C LEU B 255 14.54 6.63 10.84
N ASN B 256 14.53 7.94 10.61
CA ASN B 256 13.33 8.65 10.18
C ASN B 256 13.56 9.38 8.86
N ALA B 257 12.46 9.77 8.23
CA ALA B 257 12.51 10.57 7.02
C ALA B 257 13.27 11.87 7.27
N PHE B 258 13.91 12.36 6.22
CA PHE B 258 14.75 13.57 6.20
C PHE B 258 16.03 13.42 7.02
N VAL B 259 16.23 12.31 7.70
CA VAL B 259 17.46 12.04 8.45
C VAL B 259 18.33 11.03 7.75
N VAL B 260 17.75 9.92 7.28
CA VAL B 260 18.47 8.87 6.57
C VAL B 260 17.53 8.31 5.49
N GLY B 261 18.10 7.48 4.61
CA GLY B 261 17.31 6.74 3.65
C GLY B 261 16.76 5.47 4.26
N THR B 262 15.91 4.78 3.49
CA THR B 262 15.24 3.59 4.00
C THR B 262 16.23 2.48 4.30
N GLY B 263 17.05 2.09 3.31
CA GLY B 263 18.04 1.04 3.55
C GLY B 263 19.00 1.40 4.66
N GLN B 264 19.39 2.67 4.74
CA GLN B 264 20.26 3.13 5.82
C GLN B 264 19.58 2.98 7.17
N ALA B 265 18.28 3.31 7.24
CA ALA B 265 17.54 3.20 8.49
C ALA B 265 17.53 1.75 9.00
N HIS B 266 17.39 0.79 8.09
CA HIS B 266 17.40 -0.61 8.50
C HIS B 266 18.78 -1.06 8.94
N ASP B 267 19.82 -0.63 8.21
CA ASP B 267 21.18 -0.96 8.61
C ASP B 267 21.52 -0.33 9.96
N LEU B 268 21.06 0.90 10.20
CA LEU B 268 21.32 1.55 11.47
C LEU B 268 20.55 0.88 12.60
N LEU B 269 19.32 0.45 12.32
CA LEU B 269 18.54 -0.29 13.31
C LEU B 269 19.26 -1.57 13.72
N ALA B 270 19.77 -2.31 12.73
CA ALA B 270 20.54 -3.51 13.03
C ALA B 270 21.76 -3.18 13.89
N ALA B 271 22.43 -2.07 13.59
CA ALA B 271 23.61 -1.69 14.37
C ALA B 271 23.25 -1.26 15.79
N ALA B 272 22.16 -0.50 15.92
CA ALA B 272 21.76 -0.03 17.25
C ALA B 272 21.21 -1.16 18.10
N ALA B 273 20.38 -2.03 17.51
CA ALA B 273 19.85 -3.17 18.26
C ALA B 273 20.96 -4.14 18.65
N SER B 274 22.05 -4.19 17.88
CA SER B 274 23.15 -5.08 18.20
C SER B 274 23.84 -4.68 19.50
N ARG B 275 23.70 -3.43 19.93
CA ARG B 275 24.22 -3.00 21.22
C ARG B 275 23.31 -3.39 22.38
N CYS B 276 22.04 -3.67 22.09
CA CYS B 276 21.10 -4.08 23.12
C CYS B 276 21.37 -5.51 23.54
N ARG B 277 21.40 -5.75 24.84
CA ARG B 277 21.54 -7.11 25.35
C ARG B 277 20.21 -7.86 25.22
N GLU B 278 20.31 -9.19 25.19
CA GLU B 278 19.11 -10.02 25.10
C GLU B 278 18.22 -9.76 26.32
N GLY B 279 16.93 -9.54 26.06
CA GLY B 279 16.00 -9.17 27.11
C GLY B 279 15.89 -7.68 27.36
N GLY B 280 16.72 -6.88 26.70
CA GLY B 280 16.67 -5.44 26.85
C GLY B 280 15.60 -4.79 26.00
N LEU B 281 15.61 -3.47 25.99
CA LEU B 281 14.59 -2.68 25.32
C LEU B 281 15.22 -1.79 24.25
N VAL B 282 14.54 -1.69 23.11
CA VAL B 282 14.92 -0.79 22.02
C VAL B 282 13.74 0.12 21.73
N VAL B 283 14.00 1.41 21.64
CA VAL B 283 12.96 2.42 21.51
C VAL B 283 13.18 3.19 20.21
N LEU B 284 12.17 3.21 19.35
CA LEU B 284 12.20 3.96 18.10
C LEU B 284 11.14 5.05 18.14
N LEU B 285 11.53 6.24 17.71
CA LEU B 285 10.70 7.43 17.85
C LEU B 285 11.27 8.49 16.92
N GLY B 286 10.49 9.55 16.70
CA GLY B 286 10.96 10.56 15.77
C GLY B 286 10.07 11.77 15.54
N HIS B 287 10.72 12.92 15.34
CA HIS B 287 10.01 14.12 14.92
C HIS B 287 9.37 13.93 13.55
N THR B 288 10.06 13.24 12.65
CA THR B 288 9.56 12.88 11.34
C THR B 288 9.25 11.39 11.28
N PRO B 289 8.44 10.95 10.31
CA PRO B 289 8.03 9.54 10.27
C PRO B 289 9.18 8.56 10.39
N VAL B 290 8.95 7.51 11.19
CA VAL B 290 9.92 6.44 11.35
C VAL B 290 9.90 5.56 10.10
N LEU B 291 11.08 5.32 9.53
CA LEU B 291 11.19 4.63 8.26
C LEU B 291 11.23 3.11 8.38
N VAL B 292 11.24 2.56 9.58
CA VAL B 292 11.29 1.11 9.73
C VAL B 292 9.93 0.62 10.17
N SER B 293 9.51 -0.51 9.60
CA SER B 293 8.23 -1.06 10.01
C SER B 293 8.42 -1.90 11.27
N SER B 294 7.39 -1.89 12.13
CA SER B 294 7.18 -2.84 13.23
C SER B 294 7.23 -4.29 12.79
N GLN B 295 6.74 -4.59 11.59
CA GLN B 295 6.78 -5.97 11.11
C GLN B 295 8.24 -6.38 10.93
N TRP B 296 9.07 -5.47 10.40
CA TRP B 296 10.49 -5.76 10.25
C TRP B 296 11.19 -5.90 11.60
N CYS B 297 10.77 -5.15 12.62
CA CYS B 297 11.35 -5.32 13.95
C CYS B 297 11.06 -6.71 14.50
N GLU B 298 9.84 -7.19 14.30
CA GLU B 298 9.48 -8.54 14.74
C GLU B 298 10.28 -9.59 13.97
N MET B 299 10.56 -9.34 12.69
CA MET B 299 11.37 -10.26 11.91
C MET B 299 12.82 -10.29 12.39
N SER B 300 13.27 -9.23 13.06
CA SER B 300 14.65 -9.12 13.53
C SER B 300 14.80 -9.53 15.00
N GLY B 301 13.77 -10.13 15.59
CA GLY B 301 13.84 -10.52 16.99
C GLY B 301 13.50 -9.43 17.98
N LEU B 302 12.89 -8.33 17.53
CA LEU B 302 12.50 -7.22 18.39
C LEU B 302 10.98 -7.24 18.54
N THR B 303 10.50 -7.83 19.63
CA THR B 303 9.06 -7.97 19.85
C THR B 303 8.48 -6.65 20.36
N PRO B 304 7.52 -6.05 19.65
CA PRO B 304 7.00 -4.74 20.08
C PRO B 304 6.08 -4.88 21.29
N LEU B 305 6.41 -4.13 22.34
CA LEU B 305 5.52 -4.01 23.49
C LEU B 305 4.50 -2.89 23.31
N GLN B 306 4.87 -1.84 22.59
CA GLN B 306 3.93 -0.80 22.19
C GLN B 306 4.48 -0.11 20.96
N ARG B 307 3.57 0.48 20.19
CA ARG B 307 3.93 1.09 18.91
C ARG B 307 3.66 2.59 18.87
N SER B 308 2.63 3.07 19.56
CA SER B 308 2.31 4.47 19.59
C SER B 308 2.17 4.94 21.03
N GLY B 309 2.25 6.25 21.22
CA GLY B 309 1.99 6.85 22.51
C GLY B 309 0.96 7.96 22.37
N ALA B 310 0.41 8.34 23.51
CA ALA B 310 -0.62 9.38 23.57
C ALA B 310 -0.22 10.42 24.60
N THR B 311 -0.53 11.68 24.29
CA THR B 311 -0.37 12.73 25.29
C THR B 311 -1.27 12.40 26.49
N PRO B 312 -0.89 12.86 27.69
CA PRO B 312 -1.76 12.62 28.86
C PRO B 312 -3.17 13.14 28.66
N SER B 313 -3.34 14.17 27.84
CA SER B 313 -4.66 14.67 27.50
C SER B 313 -5.43 13.70 26.61
N GLY B 314 -4.75 12.77 25.96
CA GLY B 314 -5.39 11.89 25.00
C GLY B 314 -5.76 12.55 23.70
N HIS B 315 -5.36 13.82 23.50
CA HIS B 315 -5.75 14.57 22.31
C HIS B 315 -4.87 14.25 21.11
N ALA B 316 -3.71 13.63 21.30
CA ALA B 316 -2.79 13.42 20.21
C ALA B 316 -2.11 12.06 20.35
N LEU B 317 -1.69 11.53 19.20
CA LEU B 317 -0.96 10.28 19.13
C LEU B 317 0.39 10.52 18.45
N PHE B 318 1.36 9.66 18.75
CA PHE B 318 2.68 9.75 18.13
C PHE B 318 3.31 8.37 18.14
N GLN B 319 4.23 8.16 17.21
CA GLN B 319 4.96 6.90 17.14
C GLN B 319 5.90 6.76 18.34
N CYS B 320 5.85 5.60 18.99
CA CYS B 320 6.77 5.31 20.09
C CYS B 320 6.91 3.79 20.20
N TYR B 321 7.74 3.23 19.33
CA TYR B 321 7.98 1.79 19.34
C TYR B 321 8.87 1.41 20.52
N VAL B 322 8.37 0.50 21.35
CA VAL B 322 9.15 -0.09 22.44
C VAL B 322 9.26 -1.57 22.13
N LEU B 323 10.47 -2.04 21.87
CA LEU B 323 10.71 -3.41 21.42
C LEU B 323 11.59 -4.14 22.42
N ARG B 324 11.21 -5.36 22.76
CA ARG B 324 12.01 -6.22 23.61
C ARG B 324 12.83 -7.17 22.76
N LYS B 325 14.13 -7.21 23.01
CA LYS B 325 15.04 -8.06 22.25
C LYS B 325 15.00 -9.49 22.77
N GLY B 326 14.95 -10.44 21.85
CA GLY B 326 14.91 -11.85 22.21
C GLY B 326 16.24 -12.56 22.02
N1 A4D C . -6.86 2.03 -28.39
C2 A4D C . -7.46 0.98 -29.05
N3 A4D C . -6.87 -0.27 -29.04
C4 A4D C . -5.70 -0.46 -28.38
C5 A4D C . -5.08 0.58 -27.72
C6 A4D C . -5.67 1.84 -27.72
N6 A4D C . -5.08 2.85 -27.09
N7 A4D C . -3.94 0.10 -27.16
C8 A4D C . -3.83 -1.21 -27.47
N9 A4D C . -4.92 -1.57 -28.23
OAB A4D C . -4.90 -5.54 -30.46
OAC A4D C . -4.00 -3.20 -30.82
SAD A4D C . -3.30 -5.29 -26.30
CAG A4D C . -4.84 -5.93 -26.98
OAK A4D C . -5.62 -3.79 -27.74
CAO A4D C . -4.32 -5.03 -29.28
CAP A4D C . -4.04 -3.54 -29.45
CAQ A4D C . -5.35 -5.11 -28.16
CAR A4D C . -5.22 -2.90 -28.77
N1 A4D D . 24.53 8.18 13.05
C2 A4D D . 24.43 8.80 14.27
N3 A4D D . 23.66 9.94 14.41
C4 A4D D . 23.00 10.45 13.34
C5 A4D D . 23.09 9.84 12.10
C6 A4D D . 23.86 8.69 11.95
N6 A4D D . 23.96 8.09 10.77
N7 A4D D . 22.35 10.55 11.23
C8 A4D D . 21.79 11.60 11.89
N9 A4D D . 22.20 11.54 13.19
OAB A4D D . 21.20 15.07 15.87
OAC A4D D . 23.04 14.54 14.19
SAD A4D D . 17.39 14.66 14.91
CAG A4D D . 18.47 13.33 14.34
OAK A4D D . 20.52 12.14 14.70
CAO A4D D . 20.68 14.50 14.69
CAP A4D D . 21.81 13.91 13.87
CAQ A4D D . 19.81 13.31 15.06
CAR A4D D . 21.83 12.46 14.28
#